data_4NOZ
#
_entry.id   4NOZ
#
_cell.length_a   121.190
_cell.length_b   121.190
_cell.length_c   64.140
_cell.angle_alpha   90.000
_cell.angle_beta   90.000
_cell.angle_gamma   90.000
#
_symmetry.space_group_name_H-M   'P 4 21 2'
#
loop_
_entity.id
_entity.type
_entity.pdbx_description
1 polymer 'Organic hydroperoxide resistance protein'
2 non-polymer 1,2-ETHANEDIOL
3 water water
#
_entity_poly.entity_id   1
_entity_poly.type   'polypeptide(L)'
_entity_poly.pdbx_seq_one_letter_code
;MAHHHHHHMSIEKVLYRAHAKATGGRDGRATVPESGLDLKLTTPRELGGAGGAGANPEQLFAAGYSACFIGAMKFVAARD
KIAIPADAAIEGSVGIGAIPNGFGIEVELKISLPGLDRDIAQTLIDRAHVVCPYSNATRGNIDVTLTLV
;
_entity_poly.pdbx_strand_id   A,B
#
# COMPACT_ATOMS: atom_id res chain seq x y z
N HIS A 8 -21.25 6.19 -6.63
CA HIS A 8 -21.83 4.84 -6.37
C HIS A 8 -21.09 3.69 -7.14
N MET A 9 -19.78 3.84 -7.33
CA MET A 9 -18.89 2.67 -7.53
C MET A 9 -18.19 2.42 -6.17
N SER A 10 -18.98 2.53 -5.09
CA SER A 10 -18.46 2.34 -3.74
C SER A 10 -18.53 0.87 -3.37
N ILE A 11 -17.80 0.45 -2.37
CA ILE A 11 -17.94 -0.92 -1.93
C ILE A 11 -19.32 -1.06 -1.28
N GLU A 12 -20.11 -2.01 -1.76
CA GLU A 12 -21.45 -2.15 -1.26
C GLU A 12 -21.39 -2.59 0.16
N LYS A 13 -20.50 -3.53 0.48
CA LYS A 13 -20.46 -4.09 1.80
C LYS A 13 -19.02 -4.42 2.23
N VAL A 14 -18.54 -3.59 3.15
CA VAL A 14 -17.26 -3.78 3.74
C VAL A 14 -17.27 -4.95 4.72
N LEU A 15 -16.37 -5.89 4.48
CA LEU A 15 -16.30 -7.16 5.22
C LEU A 15 -15.30 -7.11 6.37
N TYR A 16 -14.27 -6.28 6.21
CA TYR A 16 -13.21 -6.16 7.21
C TYR A 16 -12.57 -4.80 7.06
N ARG A 17 -12.23 -4.20 8.19
CA ARG A 17 -11.61 -2.89 8.24
CA ARG A 17 -11.58 -2.89 8.20
C ARG A 17 -10.32 -2.95 9.07
N ALA A 18 -9.18 -2.61 8.49
CA ALA A 18 -7.93 -2.56 9.23
C ALA A 18 -7.74 -1.12 9.67
N HIS A 19 -6.98 -0.93 10.76
CA HIS A 19 -6.77 0.38 11.40
C HIS A 19 -5.29 0.55 11.71
N ALA A 20 -4.72 1.69 11.36
CA ALA A 20 -3.34 1.98 11.66
C ALA A 20 -3.20 3.41 12.07
N LYS A 21 -2.02 3.74 12.59
CA LYS A 21 -1.68 5.10 13.00
C LYS A 21 -0.24 5.44 12.60
N ALA A 22 -0.01 6.66 12.17
CA ALA A 22 1.34 7.14 11.88
C ALA A 22 1.52 8.46 12.59
N THR A 23 2.68 8.66 13.21
CA THR A 23 2.98 9.92 13.82
C THR A 23 4.10 10.65 13.05
N GLY A 24 4.09 11.97 13.20
CA GLY A 24 5.09 12.86 12.57
C GLY A 24 6.18 13.18 13.57
N GLY A 25 6.59 14.45 13.66
CA GLY A 25 7.73 14.84 14.50
C GLY A 25 9.06 14.19 14.08
N ARG A 26 10.04 14.21 14.98
CA ARG A 26 11.40 13.70 14.72
C ARG A 26 11.49 12.18 14.91
N ASP A 27 10.58 11.61 15.70
CA ASP A 27 10.60 10.16 15.95
C ASP A 27 9.28 9.46 15.58
N GLY A 28 8.77 9.74 14.39
CA GLY A 28 7.51 9.14 13.93
C GLY A 28 7.54 7.62 13.83
N ARG A 29 6.40 7.00 14.08
CA ARG A 29 6.24 5.54 14.00
C ARG A 29 4.92 5.18 13.34
N ALA A 30 4.89 3.99 12.75
CA ALA A 30 3.69 3.42 12.17
C ALA A 30 3.30 2.27 13.08
N THR A 31 2.05 2.27 13.53
CA THR A 31 1.55 1.22 14.39
C THR A 31 0.27 0.59 13.80
N VAL A 32 0.07 -0.68 14.10
CA VAL A 32 -1.18 -1.37 13.82
C VAL A 32 -1.63 -2.11 15.09
N PRO A 33 -2.52 -1.50 15.87
CA PRO A 33 -2.84 -2.09 17.18
C PRO A 33 -3.43 -3.49 17.14
N GLU A 34 -4.19 -3.82 16.12
CA GLU A 34 -4.70 -5.18 15.96
C GLU A 34 -3.60 -6.23 15.95
N SER A 35 -2.49 -5.96 15.23
CA SER A 35 -1.40 -6.92 15.06
C SER A 35 -0.27 -6.68 16.03
N GLY A 36 -0.21 -5.50 16.61
CA GLY A 36 0.94 -5.12 17.42
C GLY A 36 2.11 -4.58 16.61
N LEU A 37 1.98 -4.45 15.29
CA LEU A 37 3.06 -3.90 14.49
C LEU A 37 3.39 -2.49 14.97
N ASP A 38 4.69 -2.20 15.05
CA ASP A 38 5.15 -0.94 15.61
C ASP A 38 6.52 -0.62 15.05
N LEU A 39 6.58 0.24 14.05
CA LEU A 39 7.79 0.43 13.26
C LEU A 39 8.21 1.86 13.31
N LYS A 40 9.51 2.08 13.47
CA LYS A 40 10.12 3.38 13.33
C LYS A 40 9.99 3.79 11.90
N LEU A 41 9.61 5.04 11.64
CA LEU A 41 9.59 5.57 10.26
C LEU A 41 10.88 6.30 9.95
N THR A 42 11.46 5.96 8.80
CA THR A 42 12.75 6.53 8.37
C THR A 42 12.61 6.78 6.84
N THR A 43 13.14 7.92 6.41
CA THR A 43 13.13 8.33 5.02
C THR A 43 14.51 8.11 4.39
N PRO A 44 14.59 7.39 3.28
CA PRO A 44 15.85 7.22 2.55
C PRO A 44 16.54 8.56 2.26
N ARG A 45 17.88 8.56 2.22
CA ARG A 45 18.61 9.77 1.87
C ARG A 45 18.24 10.23 0.49
N GLU A 46 17.91 9.32 -0.43
CA GLU A 46 17.52 9.74 -1.77
C GLU A 46 16.27 10.62 -1.82
N LEU A 47 15.46 10.58 -0.79
CA LEU A 47 14.29 11.42 -0.70
C LEU A 47 14.45 12.46 0.39
N GLY A 48 15.69 12.72 0.78
CA GLY A 48 16.03 13.80 1.69
C GLY A 48 16.03 13.42 3.14
N GLY A 49 15.89 12.14 3.49
CA GLY A 49 15.99 11.75 4.90
C GLY A 49 17.39 11.40 5.34
N ALA A 50 17.50 10.73 6.48
CA ALA A 50 18.81 10.27 7.01
C ALA A 50 19.10 8.85 6.58
N GLY A 51 18.09 8.11 6.16
CA GLY A 51 18.27 6.72 5.72
C GLY A 51 18.53 5.76 6.87
N GLY A 52 18.94 4.55 6.53
CA GLY A 52 19.23 3.55 7.53
C GLY A 52 18.14 2.54 7.84
N ALA A 53 18.20 1.99 9.06
CA ALA A 53 17.11 1.16 9.62
C ALA A 53 15.81 1.95 9.81
N GLY A 54 14.69 1.25 9.69
CA GLY A 54 13.37 1.83 9.81
C GLY A 54 12.57 1.53 8.58
N ALA A 55 11.31 1.93 8.58
CA ALA A 55 10.42 1.57 7.48
C ALA A 55 10.05 2.82 6.73
N ASN A 56 9.65 2.64 5.48
CA ASN A 56 9.05 3.74 4.73
C ASN A 56 7.85 3.25 3.92
N PRO A 57 7.04 4.16 3.41
CA PRO A 57 5.77 3.74 2.78
C PRO A 57 5.91 2.93 1.49
N GLU A 58 7.02 3.06 0.79
CA GLU A 58 7.27 2.29 -0.40
C GLU A 58 7.58 0.84 -0.06
N GLN A 59 8.27 0.60 1.05
CA GLN A 59 8.53 -0.75 1.52
C GLN A 59 7.23 -1.39 1.88
N LEU A 60 6.38 -0.62 2.55
CA LEU A 60 5.10 -1.17 3.03
C LEU A 60 4.14 -1.49 1.88
N PHE A 61 4.15 -0.65 0.86
CA PHE A 61 3.33 -0.86 -0.31
C PHE A 61 3.87 -2.06 -1.07
N ALA A 62 5.21 -2.19 -1.16
CA ALA A 62 5.76 -3.35 -1.88
C ALA A 62 5.41 -4.68 -1.21
N ALA A 63 5.50 -4.70 0.11
CA ALA A 63 5.18 -5.89 0.88
C ALA A 63 3.67 -6.14 0.80
N GLY A 64 2.88 -5.09 0.93
CA GLY A 64 1.44 -5.26 0.88
C GLY A 64 0.93 -5.79 -0.45
N TYR A 65 1.45 -5.25 -1.54
CA TYR A 65 1.00 -5.61 -2.87
C TYR A 65 1.48 -7.04 -3.18
N SER A 66 2.74 -7.35 -2.80
CA SER A 66 3.26 -8.71 -3.01
C SER A 66 2.35 -9.72 -2.26
N ALA A 67 1.98 -9.41 -1.03
CA ALA A 67 1.13 -10.31 -0.24
C ALA A 67 -0.27 -10.37 -0.84
N CYS A 68 -0.78 -9.21 -1.26
CA CYS A 68 -2.14 -9.14 -1.80
C CYS A 68 -2.25 -9.96 -3.07
N PHE A 69 -1.23 -9.85 -3.91
CA PHE A 69 -1.26 -10.60 -5.17
C PHE A 69 -1.10 -12.10 -4.94
N ILE A 70 -0.24 -12.51 -4.01
CA ILE A 70 -0.15 -13.90 -3.59
C ILE A 70 -1.52 -14.41 -3.14
N GLY A 71 -2.17 -13.64 -2.28
CA GLY A 71 -3.50 -13.98 -1.79
C GLY A 71 -4.51 -14.10 -2.92
N ALA A 72 -4.44 -13.19 -3.88
CA ALA A 72 -5.35 -13.24 -4.97
C ALA A 72 -5.10 -14.46 -5.84
N MET A 73 -3.84 -14.83 -6.06
CA MET A 73 -3.58 -16.04 -6.86
C MET A 73 -4.11 -17.28 -6.13
N LYS A 74 -3.96 -17.34 -4.82
CA LYS A 74 -4.56 -18.47 -4.06
C LYS A 74 -6.07 -18.56 -4.20
N PHE A 75 -6.73 -17.42 -4.06
CA PHE A 75 -8.19 -17.37 -4.19
C PHE A 75 -8.56 -17.88 -5.58
N VAL A 76 -7.89 -17.37 -6.60
CA VAL A 76 -8.23 -17.79 -7.96
C VAL A 76 -7.96 -19.31 -8.18
N ALA A 77 -6.80 -19.78 -7.73
CA ALA A 77 -6.43 -21.17 -7.94
C ALA A 77 -7.43 -22.09 -7.27
N ALA A 78 -7.89 -21.71 -6.08
CA ALA A 78 -8.86 -22.55 -5.39
C ALA A 78 -10.20 -22.47 -6.14
N ARG A 79 -10.62 -21.29 -6.57
CA ARG A 79 -11.88 -21.18 -7.29
C ARG A 79 -11.86 -21.93 -8.63
N ASP A 80 -10.77 -21.81 -9.37
CA ASP A 80 -10.74 -22.32 -10.72
C ASP A 80 -10.05 -23.68 -10.87
N LYS A 81 -9.63 -24.29 -9.75
CA LYS A 81 -8.96 -25.59 -9.73
C LYS A 81 -7.63 -25.58 -10.43
N ILE A 82 -6.79 -24.63 -10.09
CA ILE A 82 -5.47 -24.59 -10.69
C ILE A 82 -4.44 -25.05 -9.67
N ALA A 83 -3.48 -25.85 -10.08
CA ALA A 83 -2.48 -26.39 -9.14
C ALA A 83 -1.44 -25.36 -8.79
N ILE A 84 -1.78 -24.36 -7.98
CA ILE A 84 -0.79 -23.38 -7.56
C ILE A 84 0.28 -24.03 -6.66
N PRO A 85 1.58 -23.84 -6.97
CA PRO A 85 2.60 -24.52 -6.11
C PRO A 85 2.73 -23.86 -4.71
N ALA A 86 2.95 -24.71 -3.70
CA ALA A 86 3.15 -24.24 -2.33
C ALA A 86 4.32 -23.27 -2.23
N ASP A 87 5.33 -23.38 -3.10
CA ASP A 87 6.48 -22.44 -3.08
C ASP A 87 6.31 -21.24 -4.04
N ALA A 88 5.06 -20.89 -4.33
CA ALA A 88 4.79 -19.68 -5.02
C ALA A 88 5.35 -18.49 -4.25
N ALA A 89 5.89 -17.50 -4.96
CA ALA A 89 6.48 -16.34 -4.29
C ALA A 89 6.47 -15.15 -5.20
N ILE A 90 6.42 -13.97 -4.61
CA ILE A 90 6.51 -12.77 -5.38
C ILE A 90 7.61 -11.89 -4.84
N GLU A 91 8.43 -11.38 -5.73
CA GLU A 91 9.34 -10.31 -5.40
C GLU A 91 8.83 -9.02 -6.02
N GLY A 92 8.48 -8.09 -5.15
CA GLY A 92 7.83 -6.87 -5.55
C GLY A 92 8.71 -5.66 -5.31
N SER A 93 8.67 -4.72 -6.23
CA SER A 93 9.43 -3.50 -6.07
C SER A 93 8.55 -2.28 -6.39
N VAL A 94 8.76 -1.22 -5.63
CA VAL A 94 8.02 0.03 -5.76
C VAL A 94 9.03 1.13 -5.92
N GLY A 95 9.04 1.77 -7.08
CA GLY A 95 9.93 2.89 -7.37
C GLY A 95 9.17 4.19 -7.25
N ILE A 96 9.77 5.16 -6.58
CA ILE A 96 9.13 6.47 -6.37
C ILE A 96 9.98 7.55 -7.02
N GLY A 97 9.32 8.47 -7.72
CA GLY A 97 10.02 9.59 -8.37
C GLY A 97 9.05 10.73 -8.53
N ALA A 98 9.57 11.88 -9.00
CA ALA A 98 8.79 13.07 -9.20
C ALA A 98 7.77 12.89 -10.33
N ILE A 99 6.59 13.48 -10.11
CA ILE A 99 5.60 13.72 -11.16
C ILE A 99 5.16 15.16 -11.04
N PRO A 100 4.38 15.68 -12.02
CA PRO A 100 4.09 17.11 -11.87
C PRO A 100 3.34 17.39 -10.56
N ASN A 101 3.82 18.36 -9.78
CA ASN A 101 3.23 18.72 -8.47
C ASN A 101 3.29 17.70 -7.32
N GLY A 102 4.03 16.62 -7.45
CA GLY A 102 4.17 15.69 -6.34
C GLY A 102 5.04 14.49 -6.68
N PHE A 103 4.64 13.33 -6.18
CA PHE A 103 5.42 12.12 -6.41
C PHE A 103 4.48 10.99 -6.76
N GLY A 104 5.02 10.02 -7.48
CA GLY A 104 4.26 8.87 -7.90
C GLY A 104 5.13 7.65 -7.80
N ILE A 105 4.48 6.49 -7.96
CA ILE A 105 5.15 5.22 -7.98
C ILE A 105 4.93 4.48 -9.28
N GLU A 106 5.80 3.49 -9.46
CA GLU A 106 5.61 2.42 -10.43
C GLU A 106 5.89 1.15 -9.64
N VAL A 107 5.44 0.01 -10.15
CA VAL A 107 5.51 -1.27 -9.44
C VAL A 107 5.96 -2.35 -10.42
N GLU A 108 6.72 -3.31 -9.93
CA GLU A 108 7.01 -4.50 -10.67
C GLU A 108 6.83 -5.68 -9.72
N LEU A 109 6.06 -6.66 -10.16
CA LEU A 109 5.89 -7.89 -9.45
C LEU A 109 6.49 -9.02 -10.27
N LYS A 110 7.54 -9.61 -9.71
CA LYS A 110 8.16 -10.77 -10.30
C LYS A 110 7.64 -12.01 -9.61
N ILE A 111 6.91 -12.80 -10.37
CA ILE A 111 6.06 -13.85 -9.85
C ILE A 111 6.65 -15.19 -10.20
N SER A 112 6.93 -15.97 -9.17
CA SER A 112 7.53 -17.25 -9.33
C SER A 112 6.47 -18.31 -9.01
N LEU A 113 6.20 -19.20 -9.96
CA LEU A 113 5.21 -20.30 -9.77
C LEU A 113 5.83 -21.62 -10.26
N PRO A 114 6.82 -22.12 -9.53
CA PRO A 114 7.63 -23.25 -10.01
C PRO A 114 6.82 -24.48 -10.37
N GLY A 115 7.14 -25.12 -11.46
CA GLY A 115 6.44 -26.34 -11.88
C GLY A 115 5.11 -26.10 -12.58
N LEU A 116 4.55 -24.91 -12.55
CA LEU A 116 3.25 -24.71 -13.15
C LEU A 116 3.40 -24.40 -14.64
N ASP A 117 2.64 -25.07 -15.49
CA ASP A 117 2.68 -24.83 -16.93
C ASP A 117 2.59 -23.32 -17.23
N ARG A 118 3.47 -22.84 -18.10
CA ARG A 118 3.60 -21.44 -18.39
C ARG A 118 2.25 -20.75 -18.81
N ASP A 119 1.48 -21.38 -19.68
CA ASP A 119 0.22 -20.78 -20.13
C ASP A 119 -0.83 -20.69 -19.01
N ILE A 120 -0.88 -21.71 -18.17
CA ILE A 120 -1.78 -21.74 -17.03
C ILE A 120 -1.32 -20.69 -16.03
N ALA A 121 -0.01 -20.60 -15.84
CA ALA A 121 0.57 -19.65 -14.92
C ALA A 121 0.28 -18.20 -15.37
N GLN A 122 0.43 -17.93 -16.66
CA GLN A 122 0.05 -16.62 -17.22
C GLN A 122 -1.42 -16.28 -16.93
N THR A 123 -2.27 -17.27 -17.10
CA THR A 123 -3.70 -17.09 -16.93
C THR A 123 -4.04 -16.85 -15.47
N LEU A 124 -3.36 -17.57 -14.57
CA LEU A 124 -3.54 -17.39 -13.15
C LEU A 124 -3.25 -15.92 -12.74
N ILE A 125 -2.10 -15.43 -13.20
CA ILE A 125 -1.67 -14.06 -13.00
C ILE A 125 -2.69 -13.07 -13.51
N ASP A 126 -3.14 -13.24 -14.75
CA ASP A 126 -4.13 -12.30 -15.31
C ASP A 126 -5.42 -12.29 -14.46
N ARG A 127 -5.85 -13.46 -14.06
CA ARG A 127 -7.06 -13.58 -13.27
C ARG A 127 -6.89 -12.99 -11.88
N ALA A 128 -5.72 -13.18 -11.29
CA ALA A 128 -5.46 -12.64 -9.95
C ALA A 128 -5.41 -11.12 -9.97
N HIS A 129 -4.95 -10.60 -11.09
CA HIS A 129 -4.87 -9.17 -11.28
C HIS A 129 -6.20 -8.46 -11.25
N VAL A 130 -7.32 -9.13 -11.54
CA VAL A 130 -8.63 -8.49 -11.36
C VAL A 130 -9.22 -8.74 -9.99
N VAL A 131 -8.69 -9.70 -9.26
CA VAL A 131 -9.16 -9.95 -7.92
C VAL A 131 -8.54 -9.00 -6.92
N CYS A 132 -7.23 -8.80 -7.06
CA CYS A 132 -6.38 -8.15 -6.05
C CYS A 132 -6.78 -6.69 -5.79
N PRO A 133 -7.07 -6.32 -4.54
CA PRO A 133 -7.50 -4.93 -4.31
C PRO A 133 -6.46 -3.87 -4.61
N TYR A 134 -5.18 -4.20 -4.45
CA TYR A 134 -4.14 -3.22 -4.79
C TYR A 134 -4.15 -2.96 -6.28
N SER A 135 -4.34 -4.02 -7.06
CA SER A 135 -4.43 -3.86 -8.49
C SER A 135 -5.66 -3.08 -8.89
N ASN A 136 -6.78 -3.36 -8.24
CA ASN A 136 -8.02 -2.61 -8.55
C ASN A 136 -7.92 -1.15 -8.11
N ALA A 137 -7.21 -0.88 -7.02
CA ALA A 137 -7.07 0.50 -6.55
C ALA A 137 -6.12 1.33 -7.45
N THR A 138 -5.14 0.70 -8.09
CA THR A 138 -4.13 1.47 -8.80
C THR A 138 -4.32 1.46 -10.33
N ARG A 139 -5.31 0.70 -10.78
CA ARG A 139 -5.58 0.42 -12.18
C ARG A 139 -5.55 1.70 -13.00
N GLY A 140 -4.73 1.72 -14.04
CA GLY A 140 -4.68 2.84 -14.95
C GLY A 140 -3.98 4.10 -14.48
N ASN A 141 -3.52 4.15 -13.23
CA ASN A 141 -2.89 5.36 -12.71
C ASN A 141 -1.36 5.30 -12.68
N ILE A 142 -0.83 4.08 -12.57
CA ILE A 142 0.61 3.86 -12.47
C ILE A 142 1.02 2.69 -13.39
N ASP A 143 2.30 2.54 -13.65
CA ASP A 143 2.78 1.39 -14.40
C ASP A 143 2.99 0.25 -13.45
N VAL A 144 2.25 -0.84 -13.65
CA VAL A 144 2.44 -2.07 -12.91
C VAL A 144 2.89 -3.14 -13.90
N THR A 145 4.12 -3.60 -13.76
CA THR A 145 4.68 -4.65 -14.61
C THR A 145 4.55 -5.94 -13.84
N LEU A 146 3.92 -6.94 -14.45
CA LEU A 146 3.81 -8.25 -13.86
C LEU A 146 4.68 -9.14 -14.74
N THR A 147 5.56 -9.92 -14.13
CA THR A 147 6.53 -10.74 -14.85
C THR A 147 6.53 -12.14 -14.25
N LEU A 148 6.31 -13.15 -15.07
CA LEU A 148 6.42 -14.51 -14.65
C LEU A 148 7.87 -14.90 -14.79
N VAL A 149 8.55 -15.15 -13.68
CA VAL A 149 9.98 -15.45 -13.69
C VAL A 149 10.24 -16.91 -13.94
N ALA B 2 -2.49 -0.97 -23.21
CA ALA B 2 -2.87 -0.52 -21.84
C ALA B 2 -4.04 0.44 -21.94
N HIS B 3 -4.66 0.66 -20.78
CA HIS B 3 -5.70 1.64 -20.60
C HIS B 3 -5.26 2.60 -19.51
N HIS B 4 -4.60 3.69 -19.96
CA HIS B 4 -4.21 4.77 -19.08
C HIS B 4 -5.42 5.58 -18.68
N HIS B 5 -5.65 5.71 -17.40
CA HIS B 5 -6.67 6.62 -16.92
C HIS B 5 -6.16 8.06 -17.08
N HIS B 6 -7.08 8.98 -16.94
CA HIS B 6 -6.80 10.39 -17.08
C HIS B 6 -5.66 10.76 -16.13
N HIS B 7 -5.58 10.19 -14.94
CA HIS B 7 -4.51 10.55 -14.03
C HIS B 7 -3.24 9.71 -14.15
N HIS B 8 -3.09 8.92 -15.20
CA HIS B 8 -1.93 8.07 -15.32
C HIS B 8 -0.60 8.87 -15.33
N MET B 9 0.39 8.40 -14.60
CA MET B 9 1.71 9.00 -14.68
C MET B 9 2.77 7.92 -14.64
N SER B 10 3.67 7.95 -15.63
CA SER B 10 4.91 7.18 -15.58
C SER B 10 5.92 8.00 -14.79
N ILE B 11 6.91 7.33 -14.23
CA ILE B 11 7.98 7.98 -13.48
C ILE B 11 9.18 8.20 -14.40
N GLU B 12 9.51 9.45 -14.71
CA GLU B 12 10.65 9.73 -15.60
C GLU B 12 11.95 9.28 -14.93
N LYS B 13 12.11 9.56 -13.66
CA LYS B 13 13.37 9.23 -13.00
C LYS B 13 13.08 8.75 -11.59
N VAL B 14 13.24 7.45 -11.39
CA VAL B 14 13.10 6.83 -10.08
C VAL B 14 14.23 7.25 -9.12
N LEU B 15 13.85 7.76 -7.97
CA LEU B 15 14.79 8.23 -6.98
C LEU B 15 15.15 7.18 -5.99
N TYR B 16 14.19 6.31 -5.67
CA TYR B 16 14.37 5.24 -4.69
C TYR B 16 13.43 4.09 -5.02
N ARG B 17 13.93 2.85 -4.91
CA ARG B 17 13.17 1.68 -5.21
CA ARG B 17 13.11 1.70 -5.18
C ARG B 17 13.16 0.77 -3.97
N ALA B 18 12.00 0.50 -3.39
CA ALA B 18 11.90 -0.49 -2.30
C ALA B 18 11.64 -1.89 -2.88
N HIS B 19 12.08 -2.92 -2.14
CA HIS B 19 11.96 -4.32 -2.56
C HIS B 19 11.39 -5.16 -1.45
N ALA B 20 10.42 -6.01 -1.76
CA ALA B 20 9.81 -6.91 -0.77
C ALA B 20 9.54 -8.22 -1.40
N LYS B 21 9.27 -9.18 -0.55
CA LYS B 21 8.91 -10.52 -0.96
C LYS B 21 7.74 -11.03 -0.15
N ALA B 22 6.85 -11.78 -0.79
CA ALA B 22 5.79 -12.47 -0.10
C ALA B 22 5.77 -13.89 -0.61
N THR B 23 5.58 -14.86 0.29
CA THR B 23 5.53 -16.27 -0.05
C THR B 23 4.12 -16.77 0.13
N GLY B 24 3.78 -17.81 -0.61
CA GLY B 24 2.45 -18.45 -0.51
C GLY B 24 2.58 -19.69 0.35
N GLY B 25 1.89 -20.77 -0.02
CA GLY B 25 1.88 -21.98 0.79
C GLY B 25 1.09 -21.80 2.08
N ARG B 26 1.34 -22.70 3.02
CA ARG B 26 0.66 -22.71 4.32
C ARG B 26 1.29 -21.76 5.34
N ASP B 27 2.54 -21.36 5.13
CA ASP B 27 3.21 -20.50 6.11
C ASP B 27 3.85 -19.24 5.48
N GLY B 28 3.10 -18.60 4.59
CA GLY B 28 3.52 -17.38 3.90
C GLY B 28 3.96 -16.27 4.86
N ARG B 29 4.96 -15.50 4.40
CA ARG B 29 5.49 -14.39 5.13
C ARG B 29 5.79 -13.25 4.16
N ALA B 30 5.83 -12.03 4.68
CA ALA B 30 6.14 -10.85 3.97
C ALA B 30 7.43 -10.30 4.55
N THR B 31 8.42 -10.07 3.69
CA THR B 31 9.73 -9.65 4.13
C THR B 31 10.18 -8.44 3.34
N VAL B 32 10.94 -7.60 4.02
CA VAL B 32 11.62 -6.48 3.41
C VAL B 32 13.09 -6.58 3.86
N PRO B 33 13.96 -7.12 3.01
CA PRO B 33 15.35 -7.34 3.43
C PRO B 33 16.07 -6.06 3.79
N GLU B 34 15.77 -4.97 3.10
CA GLU B 34 16.41 -3.71 3.39
C GLU B 34 16.24 -3.38 4.85
N SER B 35 15.04 -3.59 5.38
CA SER B 35 14.73 -3.16 6.74
C SER B 35 14.79 -4.31 7.73
N GLY B 36 14.83 -5.53 7.25
CA GLY B 36 14.73 -6.69 8.13
C GLY B 36 13.27 -7.02 8.48
N LEU B 37 12.30 -6.30 7.91
CA LEU B 37 10.89 -6.62 8.25
C LEU B 37 10.57 -8.07 7.83
N ASP B 38 9.88 -8.82 8.68
CA ASP B 38 9.61 -10.23 8.41
C ASP B 38 8.35 -10.65 9.14
N LEU B 39 7.24 -10.69 8.41
CA LEU B 39 5.93 -10.81 9.06
C LEU B 39 5.20 -12.04 8.59
N LYS B 40 4.51 -12.67 9.51
CA LYS B 40 3.62 -13.78 9.19
C LYS B 40 2.41 -13.25 8.47
N LEU B 41 2.02 -13.86 7.38
CA LEU B 41 0.81 -13.39 6.69
C LEU B 41 -0.41 -14.15 7.26
N THR B 42 -1.41 -13.43 7.73
CA THR B 42 -2.66 -14.06 8.21
C THR B 42 -3.84 -13.34 7.58
N THR B 43 -4.85 -14.09 7.17
CA THR B 43 -6.09 -13.56 6.61
C THR B 43 -7.22 -13.59 7.65
N PRO B 44 -7.93 -12.48 7.82
CA PRO B 44 -9.04 -12.42 8.73
C PRO B 44 -10.13 -13.42 8.38
N ARG B 45 -10.81 -13.90 9.41
CA ARG B 45 -11.84 -14.89 9.21
C ARG B 45 -12.95 -14.33 8.34
N GLU B 46 -13.18 -13.01 8.41
CA GLU B 46 -14.20 -12.40 7.57
C GLU B 46 -13.86 -12.52 6.08
N LEU B 47 -12.60 -12.77 5.74
CA LEU B 47 -12.23 -13.04 4.36
C LEU B 47 -11.88 -14.52 4.10
N GLY B 48 -12.37 -15.42 4.93
CA GLY B 48 -12.18 -16.87 4.74
C GLY B 48 -10.84 -17.41 5.27
N GLY B 49 -10.10 -16.60 6.00
CA GLY B 49 -8.87 -17.05 6.66
C GLY B 49 -9.09 -17.57 8.07
N ALA B 50 -8.00 -17.77 8.80
CA ALA B 50 -8.04 -18.26 10.19
C ALA B 50 -8.12 -17.15 11.22
N GLY B 51 -7.73 -15.93 10.83
CA GLY B 51 -7.65 -14.81 11.73
C GLY B 51 -6.51 -14.90 12.74
N GLY B 52 -6.49 -13.96 13.68
CA GLY B 52 -5.51 -13.91 14.75
C GLY B 52 -4.34 -13.02 14.42
N ALA B 53 -3.22 -13.32 15.07
CA ALA B 53 -1.97 -12.58 14.90
C ALA B 53 -1.36 -12.76 13.53
N GLY B 54 -0.65 -11.74 13.07
CA GLY B 54 0.00 -11.73 11.78
C GLY B 54 -0.54 -10.60 10.93
N ALA B 55 0.01 -10.43 9.74
CA ALA B 55 -0.26 -9.26 8.97
C ALA B 55 -1.11 -9.56 7.77
N ASN B 56 -1.81 -8.53 7.32
CA ASN B 56 -2.56 -8.64 6.09
C ASN B 56 -2.38 -7.38 5.25
N PRO B 57 -2.68 -7.46 3.95
CA PRO B 57 -2.39 -6.29 3.12
C PRO B 57 -3.18 -5.02 3.42
N GLU B 58 -4.34 -5.14 4.03
CA GLU B 58 -5.08 -3.95 4.39
C GLU B 58 -4.43 -3.21 5.54
N GLN B 59 -3.87 -3.93 6.50
CA GLN B 59 -3.11 -3.30 7.56
C GLN B 59 -1.90 -2.58 6.98
N LEU B 60 -1.22 -3.24 6.03
CA LEU B 60 0.01 -2.69 5.50
C LEU B 60 -0.33 -1.43 4.70
N PHE B 61 -1.46 -1.44 3.98
CA PHE B 61 -1.86 -0.28 3.22
C PHE B 61 -2.27 0.85 4.15
N ALA B 62 -2.98 0.53 5.23
CA ALA B 62 -3.37 1.56 6.19
C ALA B 62 -2.17 2.24 6.84
N ALA B 63 -1.19 1.42 7.25
CA ALA B 63 -0.02 1.97 7.90
C ALA B 63 0.76 2.77 6.89
N GLY B 64 0.92 2.23 5.69
CA GLY B 64 1.70 2.93 4.68
C GLY B 64 1.11 4.23 4.18
N TYR B 65 -0.21 4.24 3.97
CA TYR B 65 -0.88 5.44 3.50
C TYR B 65 -0.83 6.51 4.60
N SER B 66 -1.06 6.10 5.85
CA SER B 66 -1.00 7.08 6.95
C SER B 66 0.41 7.67 7.01
N ALA B 67 1.44 6.83 6.90
CA ALA B 67 2.81 7.34 6.93
C ALA B 67 3.16 8.23 5.72
N CYS B 68 2.75 7.79 4.54
CA CYS B 68 2.96 8.56 3.35
C CYS B 68 2.31 9.94 3.43
N PHE B 69 1.09 10.01 3.96
CA PHE B 69 0.39 11.27 4.03
C PHE B 69 1.05 12.25 5.02
N ILE B 70 1.49 11.71 6.15
CA ILE B 70 2.33 12.44 7.11
C ILE B 70 3.56 13.02 6.39
N GLY B 71 4.23 12.19 5.63
CA GLY B 71 5.43 12.64 4.91
C GLY B 71 5.10 13.71 3.90
N ALA B 72 3.95 13.56 3.24
CA ALA B 72 3.52 14.55 2.28
C ALA B 72 3.22 15.89 2.96
N MET B 73 2.59 15.87 4.14
CA MET B 73 2.29 17.10 4.86
C MET B 73 3.55 17.80 5.37
N LYS B 74 4.55 17.04 5.78
CA LYS B 74 5.85 17.63 6.14
C LYS B 74 6.52 18.25 4.96
N PHE B 75 6.40 17.61 3.81
CA PHE B 75 7.02 18.10 2.59
C PHE B 75 6.38 19.44 2.19
N VAL B 76 5.05 19.46 2.15
CA VAL B 76 4.32 20.67 1.82
C VAL B 76 4.57 21.76 2.84
N ALA B 77 4.65 21.39 4.13
CA ALA B 77 4.79 22.39 5.18
C ALA B 77 6.15 23.12 5.09
N ALA B 78 7.19 22.41 4.69
CA ALA B 78 8.51 22.99 4.56
C ALA B 78 8.56 23.81 3.29
N ARG B 79 7.99 23.27 2.23
CA ARG B 79 7.95 23.99 0.99
C ARG B 79 7.16 25.29 1.09
N ASP B 80 6.03 25.28 1.79
CA ASP B 80 5.14 26.42 1.77
C ASP B 80 5.23 27.23 3.06
N LYS B 81 6.16 26.86 3.93
CA LYS B 81 6.37 27.57 5.20
C LYS B 81 5.11 27.53 6.07
N ILE B 82 4.63 26.33 6.36
CA ILE B 82 3.47 26.16 7.26
C ILE B 82 3.94 25.51 8.56
N ALA B 83 3.44 25.98 9.70
CA ALA B 83 3.93 25.51 10.97
C ALA B 83 3.23 24.23 11.34
N ILE B 84 3.64 23.13 10.70
CA ILE B 84 3.08 21.82 11.05
C ILE B 84 3.50 21.40 12.46
N PRO B 85 2.54 20.95 13.29
CA PRO B 85 2.93 20.57 14.65
C PRO B 85 3.65 19.22 14.74
N ALA B 86 4.50 19.09 15.74
CA ALA B 86 5.36 17.93 15.94
C ALA B 86 4.55 16.71 16.31
N ASP B 87 3.40 16.92 16.92
CA ASP B 87 2.49 15.84 17.29
C ASP B 87 1.36 15.66 16.26
N ALA B 88 1.64 16.00 15.00
CA ALA B 88 0.77 15.59 13.92
C ALA B 88 0.66 14.06 13.92
N ALA B 89 -0.54 13.57 13.63
CA ALA B 89 -0.82 12.14 13.63
C ALA B 89 -2.00 11.80 12.69
N ILE B 90 -1.96 10.61 12.12
CA ILE B 90 -3.05 10.15 11.28
C ILE B 90 -3.50 8.78 11.75
N GLU B 91 -4.81 8.62 11.90
CA GLU B 91 -5.43 7.34 12.09
C GLU B 91 -6.11 6.92 10.80
N GLY B 92 -5.54 5.90 10.17
CA GLY B 92 -5.99 5.45 8.88
C GLY B 92 -6.76 4.15 8.99
N SER B 93 -7.81 4.05 8.22
CA SER B 93 -8.55 2.82 8.15
C SER B 93 -8.77 2.42 6.71
N VAL B 94 -8.70 1.12 6.46
CA VAL B 94 -8.82 0.57 5.13
C VAL B 94 -9.85 -0.54 5.18
N GLY B 95 -10.94 -0.35 4.44
CA GLY B 95 -12.02 -1.33 4.46
C GLY B 95 -11.93 -2.11 3.17
N ILE B 96 -12.28 -3.38 3.19
CA ILE B 96 -12.23 -4.23 2.00
C ILE B 96 -13.56 -4.97 1.86
N GLY B 97 -14.07 -4.99 0.63
CA GLY B 97 -15.23 -5.81 0.32
C GLY B 97 -15.30 -6.14 -1.15
N ALA B 98 -16.27 -6.97 -1.49
CA ALA B 98 -16.43 -7.44 -2.86
C ALA B 98 -16.84 -6.30 -3.75
N ILE B 99 -16.28 -6.30 -4.96
CA ILE B 99 -16.71 -5.45 -6.07
C ILE B 99 -16.78 -6.36 -7.30
N PRO B 100 -17.25 -5.84 -8.44
CA PRO B 100 -17.30 -6.76 -9.59
C PRO B 100 -15.93 -7.38 -9.94
N ASN B 101 -15.88 -8.69 -10.05
CA ASN B 101 -14.70 -9.47 -10.39
C ASN B 101 -13.66 -9.66 -9.24
N GLY B 102 -13.89 -9.12 -8.05
CA GLY B 102 -12.88 -9.20 -7.03
C GLY B 102 -13.20 -8.45 -5.77
N PHE B 103 -12.17 -7.80 -5.25
CA PHE B 103 -12.24 -7.09 -4.01
C PHE B 103 -11.64 -5.72 -4.17
N GLY B 104 -12.22 -4.78 -3.47
CA GLY B 104 -11.74 -3.40 -3.48
C GLY B 104 -11.56 -2.85 -2.06
N ILE B 105 -10.87 -1.74 -1.95
CA ILE B 105 -10.69 -1.10 -0.71
C ILE B 105 -11.20 0.31 -0.74
N GLU B 106 -11.43 0.86 0.46
CA GLU B 106 -11.77 2.26 0.63
C GLU B 106 -10.96 2.72 1.82
N VAL B 107 -10.68 4.01 1.90
CA VAL B 107 -9.80 4.55 2.91
C VAL B 107 -10.42 5.75 3.61
N GLU B 108 -10.19 5.83 4.91
CA GLU B 108 -10.38 7.08 5.62
C GLU B 108 -9.15 7.46 6.41
N LEU B 109 -8.67 8.69 6.23
CA LEU B 109 -7.59 9.18 7.04
C LEU B 109 -8.15 10.27 7.95
N LYS B 110 -8.05 10.02 9.27
CA LYS B 110 -8.41 11.01 10.30
C LYS B 110 -7.16 11.72 10.78
N ILE B 111 -7.04 12.98 10.39
CA ILE B 111 -5.79 13.71 10.43
C ILE B 111 -5.84 14.70 11.58
N SER B 112 -4.86 14.60 12.45
CA SER B 112 -4.78 15.42 13.66
C SER B 112 -3.59 16.36 13.53
N LEU B 113 -3.86 17.66 13.62
CA LEU B 113 -2.86 18.71 13.54
C LEU B 113 -3.12 19.68 14.70
N PRO B 114 -2.81 19.25 15.94
CA PRO B 114 -3.18 20.04 17.14
C PRO B 114 -2.60 21.44 17.13
N GLY B 115 -3.43 22.43 17.44
CA GLY B 115 -2.94 23.80 17.63
C GLY B 115 -3.00 24.60 16.34
N LEU B 116 -3.03 23.92 15.20
CA LEU B 116 -2.95 24.59 13.91
C LEU B 116 -4.30 25.10 13.44
N ASP B 117 -4.28 26.35 12.99
CA ASP B 117 -5.41 27.03 12.38
C ASP B 117 -6.10 26.07 11.39
N ARG B 118 -7.39 25.89 11.56
CA ARG B 118 -8.16 24.91 10.81
C ARG B 118 -8.28 25.20 9.32
N ASP B 119 -8.17 26.46 8.93
CA ASP B 119 -8.09 26.83 7.52
C ASP B 119 -6.77 26.39 6.97
N ILE B 120 -5.70 26.67 7.70
CA ILE B 120 -4.37 26.32 7.25
C ILE B 120 -4.22 24.80 7.27
N ALA B 121 -4.87 24.14 8.21
CA ALA B 121 -4.75 22.71 8.38
C ALA B 121 -5.45 22.05 7.20
N GLN B 122 -6.63 22.54 6.84
CA GLN B 122 -7.34 21.99 5.69
C GLN B 122 -6.54 22.21 4.42
N THR B 123 -5.94 23.39 4.30
CA THR B 123 -5.10 23.69 3.16
C THR B 123 -3.92 22.73 3.06
N LEU B 124 -3.30 22.43 4.20
CA LEU B 124 -2.17 21.55 4.25
C LEU B 124 -2.58 20.16 3.74
N ILE B 125 -3.69 19.66 4.25
CA ILE B 125 -4.24 18.39 3.83
C ILE B 125 -4.49 18.36 2.31
N ASP B 126 -5.18 19.37 1.79
CA ASP B 126 -5.48 19.45 0.33
C ASP B 126 -4.24 19.37 -0.54
N ARG B 127 -3.22 20.08 -0.13
CA ARG B 127 -1.96 20.15 -0.84
C ARG B 127 -1.15 18.88 -0.73
N ALA B 128 -1.18 18.26 0.45
CA ALA B 128 -0.43 17.01 0.64
C ALA B 128 -1.08 15.92 -0.22
N HIS B 129 -2.38 15.99 -0.36
CA HIS B 129 -3.14 15.02 -1.16
C HIS B 129 -2.73 14.98 -2.65
N VAL B 130 -2.21 16.09 -3.20
CA VAL B 130 -1.69 16.05 -4.58
C VAL B 130 -0.24 15.57 -4.61
N VAL B 131 0.44 15.70 -3.49
CA VAL B 131 1.83 15.29 -3.39
C VAL B 131 1.98 13.81 -3.16
N CYS B 132 1.13 13.27 -2.29
CA CYS B 132 1.28 11.92 -1.77
C CYS B 132 1.19 10.81 -2.84
N PRO B 133 2.20 9.94 -2.94
CA PRO B 133 2.15 8.91 -3.96
C PRO B 133 1.01 7.91 -3.84
N TYR B 134 0.53 7.66 -2.64
CA TYR B 134 -0.57 6.74 -2.48
C TYR B 134 -1.85 7.40 -2.99
N SER B 135 -2.04 8.67 -2.69
CA SER B 135 -3.17 9.42 -3.22
C SER B 135 -3.16 9.46 -4.73
N ASN B 136 -1.98 9.76 -5.29
CA ASN B 136 -1.84 9.76 -6.76
C ASN B 136 -2.07 8.44 -7.46
N ALA B 137 -1.69 7.35 -6.80
CA ALA B 137 -1.83 6.02 -7.39
C ALA B 137 -3.28 5.51 -7.36
N THR B 138 -4.11 6.01 -6.45
CA THR B 138 -5.45 5.46 -6.26
C THR B 138 -6.60 6.36 -6.70
N ARG B 139 -6.26 7.50 -7.24
CA ARG B 139 -7.21 8.54 -7.55
C ARG B 139 -8.22 8.07 -8.58
N GLY B 140 -9.48 8.34 -8.29
CA GLY B 140 -10.61 8.02 -9.14
C GLY B 140 -11.04 6.58 -9.10
N ASN B 141 -10.29 5.72 -8.41
CA ASN B 141 -10.60 4.27 -8.44
C ASN B 141 -11.22 3.78 -7.14
N ILE B 142 -11.01 4.50 -6.04
CA ILE B 142 -11.52 4.08 -4.75
C ILE B 142 -11.99 5.29 -4.00
N ASP B 143 -12.80 5.07 -2.96
CA ASP B 143 -13.18 6.16 -2.07
C ASP B 143 -12.06 6.42 -1.07
N VAL B 144 -11.59 7.67 -1.04
CA VAL B 144 -10.65 8.14 -0.03
C VAL B 144 -11.24 9.33 0.68
N THR B 145 -11.45 9.20 1.98
CA THR B 145 -11.99 10.32 2.79
C THR B 145 -10.89 10.86 3.69
N LEU B 146 -10.66 12.18 3.60
CA LEU B 146 -9.65 12.86 4.42
C LEU B 146 -10.36 13.79 5.39
N THR B 147 -10.24 13.50 6.68
CA THR B 147 -11.04 14.16 7.69
C THR B 147 -10.12 14.88 8.67
N LEU B 148 -10.17 16.20 8.70
CA LEU B 148 -9.50 16.95 9.76
C LEU B 148 -10.28 16.75 11.04
N VAL B 149 -9.70 16.04 12.00
CA VAL B 149 -10.35 15.85 13.29
C VAL B 149 -9.88 16.95 14.23
#